data_5C7H
#
_entry.id   5C7H
#
_cell.length_a   44.049
_cell.length_b   78.669
_cell.length_c   79.537
_cell.angle_alpha   90.000
_cell.angle_beta   90.000
_cell.angle_gamma   90.000
#
_symmetry.space_group_name_H-M   'P 21 21 21'
#
loop_
_entity.id
_entity.type
_entity.pdbx_description
1 polymer 'Aldo-keto reductase'
2 non-polymer 'NADPH DIHYDRO-NICOTINAMIDE-ADENINE-DINUCLEOTIDE PHOSPHATE'
3 water water
#
_entity_poly.entity_id   1
_entity_poly.type   'polypeptide(L)'
_entity_poly.pdbx_seq_one_letter_code
;MHDPIPTIAFPDGRKVPALGQGTWRMGENRAKTADEVRSLQTGLDLGMTLIDTAEMYGDGAAERIVGEAIKGRRDEAFVV
SKVLPSNASRAGTVAACERSLRNLGIDCVDLYLLHWRGGYPLAETVAAFEELKKAGKIRAWGVSNFDVDDMEELSAVPDG
GNVAANQVLYNLARRGIEFDLLPRCRAQGVPVMAYSPLDEGRLLHDADLIHIAKAHQATPAQVALAFLKTCSGVISIPKT
GSPERARENRDAMDIHLTTENLAELDRHFPPPRRKTRLEVI
;
_entity_poly.pdbx_strand_id   A
#
# COMPACT_ATOMS: atom_id res chain seq x y z
N MET A 1 -3.99 2.31 26.90
CA MET A 1 -4.00 3.45 25.93
C MET A 1 -2.98 3.26 24.80
N HIS A 2 -3.34 3.70 23.59
CA HIS A 2 -2.45 3.73 22.41
C HIS A 2 -1.84 5.10 22.18
N ASP A 3 -0.57 5.12 21.77
CA ASP A 3 0.02 6.32 21.18
C ASP A 3 -0.59 6.52 19.78
N PRO A 4 -0.68 7.77 19.29
CA PRO A 4 -1.13 7.94 17.90
C PRO A 4 -0.21 7.25 16.92
N ILE A 5 -0.77 6.78 15.81
CA ILE A 5 0.03 6.18 14.73
C ILE A 5 0.85 7.30 14.06
N PRO A 6 2.16 7.09 13.80
CA PRO A 6 2.92 8.12 13.06
C PRO A 6 2.35 8.39 11.68
N THR A 7 2.58 9.59 11.16
CA THR A 7 2.08 9.93 9.83
C THR A 7 3.18 10.03 8.79
N ILE A 8 2.74 9.84 7.56
CA ILE A 8 3.59 9.88 6.39
C ILE A 8 3.03 10.95 5.46
N ALA A 9 3.90 11.83 4.98
CA ALA A 9 3.52 12.93 4.10
C ALA A 9 3.70 12.57 2.62
N PHE A 10 2.67 12.82 1.83
CA PHE A 10 2.75 12.76 0.38
C PHE A 10 3.40 14.04 -0.18
N PRO A 11 3.87 14.02 -1.43
CA PRO A 11 4.45 15.24 -2.01
C PRO A 11 3.50 16.45 -2.03
N ASP A 12 2.18 16.19 -2.11
CA ASP A 12 1.17 17.26 -2.07
C ASP A 12 0.86 17.80 -0.66
N GLY A 13 1.55 17.31 0.36
CA GLY A 13 1.38 17.77 1.73
C GLY A 13 0.36 17.01 2.54
N ARG A 14 -0.47 16.18 1.91
CA ARG A 14 -1.44 15.37 2.65
C ARG A 14 -0.69 14.37 3.52
N LYS A 15 -1.24 14.09 4.70
CA LYS A 15 -0.65 13.16 5.62
C LYS A 15 -1.61 12.00 5.85
N VAL A 16 -1.06 10.79 5.89
CA VAL A 16 -1.84 9.61 6.25
C VAL A 16 -1.10 8.82 7.32
N PRO A 17 -1.83 8.07 8.13
CA PRO A 17 -1.15 7.21 9.08
C PRO A 17 -0.30 6.14 8.41
N ALA A 18 0.82 5.79 9.05
CA ALA A 18 1.80 4.85 8.52
C ALA A 18 1.36 3.39 8.48
N LEU A 19 0.21 3.09 9.11
CA LEU A 19 -0.39 1.76 9.10
C LEU A 19 -1.77 1.89 8.47
N GLY A 20 -1.95 1.23 7.33
CA GLY A 20 -3.21 1.15 6.60
C GLY A 20 -3.70 -0.29 6.53
N GLN A 21 -4.59 -0.54 5.57
CA GLN A 21 -5.31 -1.81 5.49
C GLN A 21 -5.38 -2.28 4.06
N GLY A 22 -5.14 -3.57 3.85
CA GLY A 22 -5.25 -4.18 2.52
C GLY A 22 -6.55 -4.92 2.32
N THR A 23 -6.84 -5.25 1.06
CA THR A 23 -8.10 -5.92 0.71
C THR A 23 -7.98 -7.07 -0.28
N TRP A 24 -6.78 -7.42 -0.73
N TRP A 24 -6.78 -7.43 -0.71
CA TRP A 24 -6.60 -8.53 -1.68
CA TRP A 24 -6.63 -8.53 -1.65
C TRP A 24 -7.08 -9.84 -1.04
C TRP A 24 -7.13 -9.82 -1.02
N ARG A 25 -7.94 -10.55 -1.78
CA ARG A 25 -8.60 -11.83 -1.43
CA ARG A 25 -8.56 -11.82 -1.39
C ARG A 25 -9.90 -11.62 -0.68
N MET A 26 -10.26 -10.37 -0.35
CA MET A 26 -11.60 -10.10 0.17
C MET A 26 -12.62 -10.24 -0.96
N GLY A 27 -13.85 -10.59 -0.58
CA GLY A 27 -14.96 -10.65 -1.54
C GLY A 27 -15.12 -11.97 -2.25
N GLU A 28 -14.35 -12.98 -1.87
CA GLU A 28 -14.38 -14.29 -2.52
C GLU A 28 -15.40 -15.24 -1.93
N ASN A 29 -15.60 -15.16 -0.62
CA ASN A 29 -16.43 -16.11 0.11
C ASN A 29 -17.56 -15.34 0.81
N ARG A 30 -18.80 -15.62 0.42
CA ARG A 30 -19.98 -14.95 0.94
C ARG A 30 -20.09 -15.04 2.47
N ALA A 31 -19.62 -16.16 3.04
CA ALA A 31 -19.63 -16.35 4.50
C ALA A 31 -18.64 -15.46 5.25
N LYS A 32 -17.67 -14.90 4.53
CA LYS A 32 -16.64 -14.02 5.11
C LYS A 32 -16.92 -12.52 4.93
N THR A 33 -17.89 -12.16 4.09
CA THR A 33 -18.14 -10.76 3.72
C THR A 33 -18.40 -9.84 4.91
N ALA A 34 -19.30 -10.26 5.79
CA ALA A 34 -19.68 -9.42 6.93
C ALA A 34 -18.46 -9.07 7.78
N ASP A 35 -17.62 -10.06 8.06
CA ASP A 35 -16.42 -9.83 8.86
C ASP A 35 -15.32 -9.05 8.12
N GLU A 36 -15.22 -9.21 6.80
CA GLU A 36 -14.29 -8.39 6.01
C GLU A 36 -14.68 -6.91 6.10
N VAL A 37 -15.97 -6.64 5.96
CA VAL A 37 -16.48 -5.27 6.12
C VAL A 37 -16.16 -4.77 7.54
N ARG A 38 -16.46 -5.57 8.56
CA ARG A 38 -16.20 -5.18 9.93
CA ARG A 38 -16.19 -5.22 9.95
C ARG A 38 -14.70 -5.00 10.23
N SER A 39 -13.85 -5.79 9.58
CA SER A 39 -12.41 -5.60 9.73
C SER A 39 -11.98 -4.20 9.29
N LEU A 40 -12.43 -3.80 8.10
CA LEU A 40 -12.08 -2.48 7.58
C LEU A 40 -12.67 -1.34 8.42
N GLN A 41 -13.91 -1.51 8.87
CA GLN A 41 -14.54 -0.52 9.75
C GLN A 41 -13.80 -0.37 11.08
N THR A 42 -13.42 -1.52 11.64
CA THR A 42 -12.66 -1.54 12.91
C THR A 42 -11.32 -0.81 12.69
N GLY A 43 -10.64 -1.10 11.59
CA GLY A 43 -9.40 -0.40 11.29
C GLY A 43 -9.58 1.09 11.15
N LEU A 44 -10.63 1.52 10.45
CA LEU A 44 -10.92 2.96 10.35
C LEU A 44 -11.12 3.59 11.72
N ASP A 45 -11.89 2.91 12.57
CA ASP A 45 -12.14 3.40 13.94
C ASP A 45 -10.85 3.58 14.73
N LEU A 46 -9.88 2.71 14.46
CA LEU A 46 -8.60 2.69 15.15
C LEU A 46 -7.51 3.54 14.49
N GLY A 47 -7.88 4.32 13.48
CA GLY A 47 -6.94 5.23 12.85
C GLY A 47 -6.10 4.65 11.72
N MET A 48 -6.45 3.46 11.25
CA MET A 48 -5.77 2.86 10.09
C MET A 48 -6.56 3.30 8.86
N THR A 49 -6.37 4.57 8.50
CA THR A 49 -7.35 5.19 7.63
CA THR A 49 -7.23 5.36 7.62
C THR A 49 -7.13 4.98 6.14
N LEU A 50 -5.92 4.61 5.72
CA LEU A 50 -5.70 4.25 4.33
C LEU A 50 -6.19 2.82 4.07
N ILE A 51 -7.00 2.65 3.02
CA ILE A 51 -7.48 1.34 2.58
C ILE A 51 -7.03 1.15 1.13
N ASP A 52 -6.32 0.05 0.89
CA ASP A 52 -5.77 -0.27 -0.43
C ASP A 52 -6.59 -1.36 -1.13
N THR A 53 -7.02 -1.06 -2.35
CA THR A 53 -7.73 -2.04 -3.17
C THR A 53 -7.29 -1.89 -4.63
N ALA A 54 -7.99 -2.56 -5.53
CA ALA A 54 -7.60 -2.57 -6.96
C ALA A 54 -8.75 -3.12 -7.78
N GLU A 55 -8.84 -2.72 -9.06
CA GLU A 55 -9.87 -3.33 -9.91
C GLU A 55 -9.66 -4.83 -10.07
N MET A 56 -8.40 -5.27 -10.00
CA MET A 56 -8.06 -6.70 -10.13
C MET A 56 -8.67 -7.60 -9.04
N TYR A 57 -8.89 -7.05 -7.85
CA TYR A 57 -9.18 -7.89 -6.68
C TYR A 57 -10.61 -8.39 -6.73
N GLY A 58 -10.77 -9.63 -7.18
CA GLY A 58 -12.10 -10.17 -7.41
C GLY A 58 -12.85 -9.45 -8.50
N ASP A 59 -12.13 -8.85 -9.44
CA ASP A 59 -12.72 -8.11 -10.55
C ASP A 59 -13.85 -7.16 -10.08
N GLY A 60 -13.52 -6.34 -9.08
CA GLY A 60 -14.47 -5.37 -8.50
C GLY A 60 -15.05 -5.76 -7.15
N ALA A 61 -14.95 -7.03 -6.78
CA ALA A 61 -15.56 -7.51 -5.54
C ALA A 61 -14.95 -6.88 -4.30
N ALA A 62 -13.62 -6.79 -4.26
CA ALA A 62 -12.98 -6.15 -3.09
C ALA A 62 -13.34 -4.67 -3.02
N GLU A 63 -13.39 -3.99 -4.15
CA GLU A 63 -13.84 -2.59 -4.18
C GLU A 63 -15.25 -2.45 -3.59
N ARG A 64 -16.13 -3.39 -3.89
CA ARG A 64 -17.49 -3.34 -3.34
C ARG A 64 -17.51 -3.59 -1.83
N ILE A 65 -16.59 -4.42 -1.33
CA ILE A 65 -16.39 -4.60 0.12
CA ILE A 65 -16.45 -4.56 0.12
C ILE A 65 -15.98 -3.25 0.75
N VAL A 66 -15.00 -2.58 0.14
CA VAL A 66 -14.56 -1.28 0.64
C VAL A 66 -15.73 -0.27 0.61
N GLY A 67 -16.48 -0.28 -0.50
CA GLY A 67 -17.64 0.60 -0.63
C GLY A 67 -18.65 0.42 0.49
N GLU A 68 -18.86 -0.81 0.91
CA GLU A 68 -19.77 -1.08 2.05
C GLU A 68 -19.16 -0.60 3.37
N ALA A 69 -17.87 -0.89 3.58
CA ALA A 69 -17.19 -0.50 4.82
C ALA A 69 -17.15 1.00 5.06
N ILE A 70 -17.11 1.80 3.98
CA ILE A 70 -17.00 3.25 4.11
C ILE A 70 -18.36 3.95 4.09
N LYS A 71 -19.47 3.19 4.00
CA LYS A 71 -20.81 3.81 3.98
C LYS A 71 -21.04 4.65 5.23
N GLY A 72 -21.45 5.90 5.01
CA GLY A 72 -21.69 6.82 6.11
C GLY A 72 -20.45 7.40 6.77
N ARG A 73 -19.26 7.08 6.25
CA ARG A 73 -18.01 7.57 6.81
C ARG A 73 -16.92 7.77 5.75
N ARG A 74 -17.29 8.15 4.55
CA ARG A 74 -16.32 8.25 3.46
C ARG A 74 -15.16 9.18 3.81
N ASP A 75 -15.47 10.28 4.46
CA ASP A 75 -14.50 11.29 4.81
C ASP A 75 -13.38 10.82 5.73
N GLU A 76 -13.58 9.73 6.44
CA GLU A 76 -12.56 9.15 7.34
C GLU A 76 -11.64 8.14 6.69
N ALA A 77 -11.86 7.83 5.42
CA ALA A 77 -11.04 6.84 4.71
C ALA A 77 -10.20 7.52 3.66
N PHE A 78 -8.97 7.03 3.47
CA PHE A 78 -8.11 7.43 2.35
C PHE A 78 -8.10 6.22 1.43
N VAL A 79 -8.85 6.31 0.34
CA VAL A 79 -9.11 5.15 -0.52
C VAL A 79 -8.12 5.12 -1.68
N VAL A 80 -7.42 3.99 -1.81
CA VAL A 80 -6.48 3.77 -2.89
C VAL A 80 -7.04 2.68 -3.79
N SER A 81 -7.09 2.93 -5.09
CA SER A 81 -7.32 1.83 -6.03
C SER A 81 -6.30 1.87 -7.16
N LYS A 82 -6.44 0.94 -8.11
CA LYS A 82 -5.42 0.70 -9.12
C LYS A 82 -6.06 0.33 -10.45
N VAL A 83 -5.34 0.67 -11.52
CA VAL A 83 -5.67 0.26 -12.87
C VAL A 83 -4.66 -0.80 -13.33
N LEU A 84 -5.17 -1.91 -13.88
CA LEU A 84 -4.30 -2.91 -14.50
C LEU A 84 -3.57 -2.32 -15.70
N PRO A 85 -2.30 -2.73 -15.94
CA PRO A 85 -1.58 -2.18 -17.09
C PRO A 85 -2.22 -2.47 -18.44
N SER A 86 -2.95 -3.59 -18.54
CA SER A 86 -3.69 -3.92 -19.75
C SER A 86 -4.84 -2.95 -20.03
N ASN A 87 -5.23 -2.17 -19.02
CA ASN A 87 -6.25 -1.12 -19.17
C ASN A 87 -5.70 0.29 -19.12
N ALA A 88 -4.38 0.45 -19.15
CA ALA A 88 -3.76 1.74 -18.81
C ALA A 88 -3.46 2.65 -20.01
N SER A 89 -4.20 2.47 -21.10
CA SER A 89 -4.24 3.50 -22.15
C SER A 89 -5.02 4.71 -21.63
N ARG A 90 -5.07 5.80 -22.37
CA ARG A 90 -5.71 6.99 -21.81
CA ARG A 90 -5.71 7.01 -21.85
C ARG A 90 -7.20 6.76 -21.63
N ALA A 91 -7.89 6.33 -22.70
CA ALA A 91 -9.33 6.03 -22.62
C ALA A 91 -9.60 4.85 -21.67
N GLY A 92 -8.70 3.87 -21.67
CA GLY A 92 -8.84 2.72 -20.78
C GLY A 92 -8.74 3.09 -19.31
N THR A 93 -7.83 4.00 -18.99
CA THR A 93 -7.61 4.40 -17.60
C THR A 93 -8.84 5.14 -17.09
N VAL A 94 -9.39 6.02 -17.92
CA VAL A 94 -10.59 6.75 -17.54
C VAL A 94 -11.75 5.77 -17.30
N ALA A 95 -11.92 4.81 -18.21
CA ALA A 95 -13.00 3.81 -18.07
C ALA A 95 -12.80 2.96 -16.81
N ALA A 96 -11.56 2.57 -16.54
CA ALA A 96 -11.26 1.79 -15.34
C ALA A 96 -11.57 2.58 -14.08
N CYS A 97 -11.23 3.86 -14.08
CA CYS A 97 -11.49 4.67 -12.91
C CYS A 97 -13.00 4.80 -12.67
N GLU A 98 -13.76 5.01 -13.75
CA GLU A 98 -15.22 5.06 -13.63
C GLU A 98 -15.83 3.78 -13.06
N ARG A 99 -15.33 2.62 -13.50
CA ARG A 99 -15.81 1.33 -12.95
C ARG A 99 -15.48 1.24 -11.45
N SER A 100 -14.25 1.65 -11.10
CA SER A 100 -13.85 1.61 -9.69
C SER A 100 -14.69 2.52 -8.80
N LEU A 101 -14.98 3.73 -9.29
CA LEU A 101 -15.81 4.67 -8.54
C LEU A 101 -17.22 4.11 -8.31
N ARG A 102 -17.76 3.45 -9.33
CA ARG A 102 -19.07 2.82 -9.21
C ARG A 102 -19.05 1.67 -8.18
N ASN A 103 -18.03 0.82 -8.22
CA ASN A 103 -17.92 -0.26 -7.24
C ASN A 103 -17.71 0.26 -5.83
N LEU A 104 -16.89 1.31 -5.69
CA LEU A 104 -16.63 1.91 -4.39
C LEU A 104 -17.80 2.76 -3.86
N GLY A 105 -18.71 3.17 -4.75
CA GLY A 105 -19.82 4.05 -4.37
C GLY A 105 -19.41 5.45 -3.95
N ILE A 106 -18.34 5.97 -4.57
CA ILE A 106 -17.80 7.28 -4.21
C ILE A 106 -17.57 8.13 -5.46
N ASP A 107 -17.42 9.45 -5.23
CA ASP A 107 -17.18 10.42 -6.28
C ASP A 107 -15.73 10.54 -6.72
N CYS A 108 -14.79 10.30 -5.79
N CYS A 108 -14.81 10.30 -5.79
CA CYS A 108 -13.37 10.59 -6.03
CA CYS A 108 -13.40 10.41 -6.12
C CYS A 108 -12.51 9.64 -5.21
C CYS A 108 -12.52 9.58 -5.21
N VAL A 109 -11.50 9.00 -5.82
CA VAL A 109 -10.55 8.20 -5.04
CA VAL A 109 -10.49 8.17 -5.17
C VAL A 109 -9.40 9.09 -4.59
N ASP A 110 -8.86 8.78 -3.42
CA ASP A 110 -7.76 9.58 -2.87
C ASP A 110 -6.44 9.41 -3.63
N LEU A 111 -6.17 8.18 -4.05
CA LEU A 111 -4.92 7.85 -4.74
C LEU A 111 -5.19 6.72 -5.71
N TYR A 112 -4.73 6.90 -6.95
CA TYR A 112 -5.00 5.95 -8.02
C TYR A 112 -3.68 5.53 -8.64
N LEU A 113 -3.39 4.21 -8.62
CA LEU A 113 -2.09 3.69 -9.01
C LEU A 113 -2.12 2.86 -10.29
N LEU A 114 -1.06 3.00 -11.09
CA LEU A 114 -0.77 2.02 -12.14
C LEU A 114 -0.23 0.73 -11.47
N HIS A 115 -0.90 -0.40 -11.68
CA HIS A 115 -0.65 -1.58 -10.85
C HIS A 115 0.74 -2.22 -11.09
N TRP A 116 1.18 -2.23 -12.36
CA TRP A 116 2.57 -2.55 -12.71
C TRP A 116 2.85 -2.01 -14.11
N ARG A 117 4.08 -2.12 -14.58
CA ARG A 117 4.45 -1.57 -15.87
C ARG A 117 3.93 -2.47 -17.00
N GLY A 118 3.30 -1.87 -18.00
CA GLY A 118 2.81 -2.58 -19.16
C GLY A 118 3.27 -1.99 -20.48
N GLY A 119 2.49 -2.25 -21.52
CA GLY A 119 2.87 -1.92 -22.89
C GLY A 119 2.44 -0.55 -23.39
N TYR A 120 1.50 0.09 -22.70
CA TYR A 120 1.05 1.40 -23.15
C TYR A 120 2.06 2.45 -22.72
N PRO A 121 2.29 3.48 -23.54
CA PRO A 121 3.26 4.49 -23.14
C PRO A 121 2.92 5.11 -21.80
N LEU A 122 3.92 5.25 -20.94
CA LEU A 122 3.72 5.87 -19.63
CA LEU A 122 3.70 5.84 -19.64
C LEU A 122 3.14 7.26 -19.75
N ALA A 123 3.55 8.01 -20.78
CA ALA A 123 3.03 9.37 -20.97
C ALA A 123 1.50 9.39 -21.08
N GLU A 124 0.95 8.38 -21.73
CA GLU A 124 -0.48 8.27 -21.91
CA GLU A 124 -0.50 8.27 -21.91
C GLU A 124 -1.22 7.95 -20.60
N THR A 125 -0.68 7.03 -19.82
CA THR A 125 -1.28 6.73 -18.52
C THR A 125 -1.26 7.96 -17.62
N VAL A 126 -0.11 8.64 -17.57
CA VAL A 126 0.00 9.84 -16.76
C VAL A 126 -0.95 10.94 -17.25
N ALA A 127 -1.11 11.10 -18.56
CA ALA A 127 -2.05 12.07 -19.10
C ALA A 127 -3.48 11.75 -18.63
N ALA A 128 -3.84 10.48 -18.62
CA ALA A 128 -5.16 10.07 -18.11
C ALA A 128 -5.30 10.40 -16.63
N PHE A 129 -4.28 10.09 -15.85
CA PHE A 129 -4.31 10.40 -14.43
C PHE A 129 -4.49 11.91 -14.20
N GLU A 130 -3.76 12.73 -14.94
CA GLU A 130 -3.89 14.19 -14.80
C GLU A 130 -5.27 14.68 -15.23
N GLU A 131 -5.84 14.07 -16.28
CA GLU A 131 -7.20 14.41 -16.70
C GLU A 131 -8.20 14.06 -15.58
N LEU A 132 -8.05 12.87 -15.00
CA LEU A 132 -8.93 12.42 -13.91
C LEU A 132 -8.82 13.34 -12.68
N LYS A 133 -7.62 13.83 -12.41
CA LYS A 133 -7.42 14.77 -11.31
C LYS A 133 -8.15 16.09 -11.57
N LYS A 134 -7.99 16.63 -12.77
CA LYS A 134 -8.72 17.85 -13.14
C LYS A 134 -10.23 17.64 -13.14
N ALA A 135 -10.67 16.43 -13.47
CA ALA A 135 -12.08 16.08 -13.44
C ALA A 135 -12.66 15.92 -12.03
N GLY A 136 -11.80 15.90 -11.00
CA GLY A 136 -12.24 15.67 -9.63
C GLY A 136 -12.54 14.23 -9.33
N LYS A 137 -12.02 13.28 -10.11
CA LYS A 137 -12.27 11.85 -9.94
C LYS A 137 -11.18 11.13 -9.17
N ILE A 138 -9.96 11.69 -9.17
CA ILE A 138 -8.89 11.24 -8.28
C ILE A 138 -8.26 12.48 -7.65
N ARG A 139 -7.67 12.33 -6.47
CA ARG A 139 -6.94 13.44 -5.85
C ARG A 139 -5.45 13.39 -6.11
N ALA A 140 -4.92 12.22 -6.46
CA ALA A 140 -3.48 12.01 -6.68
C ALA A 140 -3.31 10.70 -7.43
N TRP A 141 -2.19 10.57 -8.15
CA TRP A 141 -1.85 9.32 -8.81
C TRP A 141 -0.47 8.85 -8.40
N GLY A 142 -0.24 7.55 -8.55
CA GLY A 142 1.07 6.98 -8.30
C GLY A 142 1.26 5.71 -9.08
N VAL A 143 2.26 4.94 -8.68
CA VAL A 143 2.67 3.73 -9.40
C VAL A 143 2.86 2.60 -8.41
N SER A 144 2.99 1.40 -8.96
CA SER A 144 3.21 0.19 -8.17
C SER A 144 4.10 -0.76 -8.94
N ASN A 145 4.94 -1.50 -8.21
CA ASN A 145 5.86 -2.44 -8.83
C ASN A 145 6.83 -1.76 -9.81
N PHE A 146 7.12 -0.49 -9.56
CA PHE A 146 8.11 0.26 -10.36
C PHE A 146 9.49 0.10 -9.74
N ASP A 147 10.41 -0.49 -10.50
CA ASP A 147 11.81 -0.54 -10.02
CA ASP A 147 11.81 -0.57 -10.13
C ASP A 147 12.49 0.76 -10.44
N VAL A 148 13.78 0.88 -10.14
CA VAL A 148 14.49 2.13 -10.35
C VAL A 148 14.43 2.60 -11.81
N ASP A 149 14.57 1.68 -12.76
CA ASP A 149 14.50 2.07 -14.18
C ASP A 149 13.12 2.60 -14.55
N ASP A 150 12.06 1.99 -14.01
CA ASP A 150 10.70 2.46 -14.28
C ASP A 150 10.48 3.86 -13.73
N MET A 151 10.98 4.12 -12.52
CA MET A 151 10.86 5.45 -11.95
CA MET A 151 10.88 5.46 -11.92
C MET A 151 11.60 6.50 -12.77
N GLU A 152 12.76 6.13 -13.32
CA GLU A 152 13.50 7.09 -14.16
C GLU A 152 12.71 7.50 -15.39
N GLU A 153 11.95 6.58 -15.95
CA GLU A 153 11.18 6.90 -17.13
CA GLU A 153 11.11 6.86 -17.11
C GLU A 153 10.08 7.97 -16.87
N LEU A 154 9.67 8.20 -15.60
CA LEU A 154 8.68 9.27 -15.28
CA LEU A 154 8.70 9.28 -15.26
C LEU A 154 9.22 10.69 -15.54
N SER A 155 10.53 10.88 -15.43
CA SER A 155 11.10 12.18 -15.75
C SER A 155 11.09 12.51 -17.24
N ALA A 156 10.87 11.49 -18.08
CA ALA A 156 10.83 11.66 -19.53
C ALA A 156 9.41 11.86 -20.02
N VAL A 157 8.40 11.79 -19.12
CA VAL A 157 7.04 12.02 -19.55
C VAL A 157 6.48 13.29 -18.91
N PRO A 158 5.62 14.02 -19.66
CA PRO A 158 5.02 15.20 -19.08
C PRO A 158 4.24 14.87 -17.81
N ASP A 159 4.45 15.68 -16.78
CA ASP A 159 3.82 15.54 -15.47
C ASP A 159 4.28 14.35 -14.63
N GLY A 160 5.31 13.62 -15.10
CA GLY A 160 5.80 12.47 -14.38
C GLY A 160 6.35 12.75 -12.99
N GLY A 161 6.76 14.01 -12.76
CA GLY A 161 7.18 14.46 -11.46
C GLY A 161 6.09 14.53 -10.42
N ASN A 162 4.84 14.34 -10.82
CA ASN A 162 3.71 14.39 -9.88
C ASN A 162 3.42 13.06 -9.21
N VAL A 163 4.22 12.03 -9.47
CA VAL A 163 4.02 10.72 -8.84
C VAL A 163 3.93 10.86 -7.31
N ALA A 164 2.87 10.30 -6.73
CA ALA A 164 2.59 10.50 -5.30
C ALA A 164 3.06 9.34 -4.41
N ALA A 165 3.26 8.15 -4.99
CA ALA A 165 3.61 6.98 -4.23
C ALA A 165 4.14 5.91 -5.16
N ASN A 166 4.95 5.01 -4.60
CA ASN A 166 5.34 3.75 -5.26
C ASN A 166 5.04 2.61 -4.31
N GLN A 167 4.10 1.77 -4.69
CA GLN A 167 3.67 0.64 -3.89
C GLN A 167 4.41 -0.63 -4.33
N VAL A 168 5.27 -1.14 -3.47
CA VAL A 168 6.16 -2.26 -3.79
C VAL A 168 6.22 -3.23 -2.63
N LEU A 169 6.68 -4.44 -2.92
CA LEU A 169 6.82 -5.48 -1.92
C LEU A 169 7.94 -5.13 -0.95
N TYR A 170 7.64 -5.06 0.34
CA TYR A 170 8.66 -4.74 1.34
C TYR A 170 8.23 -5.32 2.67
N ASN A 171 9.07 -6.21 3.20
CA ASN A 171 8.83 -6.82 4.51
C ASN A 171 10.16 -7.42 4.96
N LEU A 172 10.23 -7.95 6.18
CA LEU A 172 11.50 -8.50 6.66
C LEU A 172 12.12 -9.56 5.76
N ALA A 173 11.29 -10.35 5.07
CA ALA A 173 11.78 -11.40 4.16
C ALA A 173 12.12 -10.89 2.75
N ARG A 174 11.80 -9.62 2.46
CA ARG A 174 11.92 -9.05 1.11
C ARG A 174 12.44 -7.63 1.25
N ARG A 175 13.76 -7.50 1.45
CA ARG A 175 14.38 -6.22 1.79
C ARG A 175 15.17 -5.58 0.64
N GLY A 176 15.05 -6.14 -0.56
CA GLY A 176 15.84 -5.69 -1.72
C GLY A 176 15.79 -4.20 -2.01
N ILE A 177 14.63 -3.57 -1.82
CA ILE A 177 14.50 -2.16 -2.17
C ILE A 177 15.38 -1.25 -1.33
N GLU A 178 15.85 -1.73 -0.19
CA GLU A 178 16.73 -0.92 0.67
C GLU A 178 18.00 -0.45 -0.02
N PHE A 179 18.49 -1.21 -1.00
CA PHE A 179 19.74 -0.87 -1.65
C PHE A 179 19.67 0.35 -2.56
N ASP A 180 18.52 0.56 -3.19
CA ASP A 180 18.40 1.56 -4.25
C ASP A 180 17.04 2.26 -4.26
N LEU A 181 15.97 1.51 -4.48
CA LEU A 181 14.66 2.11 -4.73
C LEU A 181 14.14 2.90 -3.52
N LEU A 182 14.26 2.32 -2.32
CA LEU A 182 13.77 2.99 -1.12
C LEU A 182 14.54 4.29 -0.83
N PRO A 183 15.89 4.27 -0.85
CA PRO A 183 16.58 5.55 -0.67
C PRO A 183 16.22 6.58 -1.75
N ARG A 184 16.05 6.15 -3.00
CA ARG A 184 15.68 7.07 -4.09
CA ARG A 184 15.70 7.09 -4.06
C ARG A 184 14.32 7.71 -3.81
N CYS A 185 13.33 6.88 -3.47
CA CYS A 185 11.98 7.39 -3.22
C CYS A 185 11.96 8.32 -2.01
N ARG A 186 12.67 7.95 -0.94
CA ARG A 186 12.78 8.84 0.22
C ARG A 186 13.37 10.19 -0.16
N ALA A 187 14.43 10.17 -0.97
CA ALA A 187 15.08 11.41 -1.41
C ALA A 187 14.19 12.28 -2.31
N GLN A 188 13.30 11.64 -3.07
CA GLN A 188 12.32 12.33 -3.92
CA GLN A 188 12.33 12.33 -3.93
C GLN A 188 11.09 12.80 -3.14
N GLY A 189 10.94 12.38 -1.90
CA GLY A 189 9.77 12.68 -1.10
C GLY A 189 8.54 11.90 -1.53
N VAL A 190 8.73 10.72 -2.12
CA VAL A 190 7.65 9.86 -2.61
C VAL A 190 7.47 8.69 -1.63
N PRO A 191 6.34 8.63 -0.90
CA PRO A 191 6.12 7.50 0.00
C PRO A 191 6.18 6.15 -0.70
N VAL A 192 6.78 5.19 -0.01
CA VAL A 192 6.71 3.80 -0.42
C VAL A 192 5.58 3.14 0.36
N MET A 193 4.65 2.53 -0.36
CA MET A 193 3.63 1.69 0.27
C MET A 193 4.15 0.26 0.26
N ALA A 194 4.39 -0.30 1.45
CA ALA A 194 4.91 -1.65 1.63
C ALA A 194 3.77 -2.63 1.58
N TYR A 195 3.60 -3.26 0.42
CA TYR A 195 2.59 -4.30 0.30
C TYR A 195 3.11 -5.64 0.83
N SER A 196 2.16 -6.52 1.11
CA SER A 196 2.42 -7.81 1.75
C SER A 196 3.41 -7.66 2.91
N PRO A 197 3.07 -6.82 3.91
CA PRO A 197 4.01 -6.58 5.02
C PRO A 197 4.24 -7.78 5.95
N LEU A 198 3.34 -8.77 5.87
CA LEU A 198 3.50 -10.05 6.56
C LEU A 198 3.99 -11.16 5.62
N ASP A 199 4.46 -10.76 4.43
CA ASP A 199 4.77 -11.69 3.36
C ASP A 199 3.64 -12.71 3.13
N GLU A 200 2.40 -12.22 3.15
CA GLU A 200 1.20 -13.07 2.95
C GLU A 200 1.08 -14.19 3.98
N GLY A 201 1.66 -13.95 5.17
CA GLY A 201 1.66 -14.93 6.25
C GLY A 201 2.93 -15.75 6.35
N ARG A 202 3.74 -15.78 5.29
CA ARG A 202 4.88 -16.70 5.22
C ARG A 202 5.98 -16.36 6.21
N LEU A 203 6.12 -15.07 6.47
CA LEU A 203 7.15 -14.51 7.32
C LEU A 203 6.89 -14.89 8.78
N LEU A 204 5.63 -15.20 9.12
CA LEU A 204 5.22 -15.38 10.50
C LEU A 204 5.76 -16.67 11.13
N HIS A 205 6.28 -17.59 10.31
CA HIS A 205 6.90 -18.84 10.77
C HIS A 205 8.38 -18.72 11.06
N ASP A 206 8.96 -17.55 10.90
CA ASP A 206 10.38 -17.37 11.09
C ASP A 206 10.75 -17.52 12.57
N ALA A 207 11.81 -18.29 12.84
CA ALA A 207 12.23 -18.57 14.22
C ALA A 207 12.59 -17.31 14.99
N ASP A 208 13.33 -16.41 14.35
CA ASP A 208 13.79 -15.21 15.04
C ASP A 208 12.63 -14.27 15.34
N LEU A 209 11.71 -14.19 14.40
CA LEU A 209 10.52 -13.37 14.59
C LEU A 209 9.68 -13.90 15.77
N ILE A 210 9.52 -15.21 15.83
CA ILE A 210 8.84 -15.87 16.95
C ILE A 210 9.55 -15.58 18.29
N HIS A 211 10.88 -15.64 18.28
CA HIS A 211 11.71 -15.38 19.48
C HIS A 211 11.52 -13.94 20.00
N ILE A 212 11.59 -12.97 19.09
CA ILE A 212 11.45 -11.57 19.48
C ILE A 212 10.02 -11.26 19.95
N ALA A 213 9.02 -11.82 19.26
CA ALA A 213 7.63 -11.67 19.65
C ALA A 213 7.39 -12.17 21.08
N LYS A 214 7.93 -13.35 21.39
CA LYS A 214 7.81 -13.93 22.73
C LYS A 214 8.37 -12.98 23.80
N ALA A 215 9.52 -12.38 23.51
CA ALA A 215 10.16 -11.43 24.45
C ALA A 215 9.32 -10.18 24.74
N HIS A 216 8.49 -9.77 23.77
CA HIS A 216 7.57 -8.64 23.91
C HIS A 216 6.12 -8.99 24.30
N GLN A 217 5.86 -10.27 24.60
CA GLN A 217 4.49 -10.75 24.80
C GLN A 217 3.57 -10.32 23.65
N ALA A 218 4.09 -10.46 22.44
CA ALA A 218 3.44 -9.98 21.22
C ALA A 218 3.38 -11.15 20.24
N THR A 219 2.78 -10.92 19.09
CA THR A 219 2.72 -11.92 18.03
C THR A 219 3.78 -11.62 16.96
N PRO A 220 4.19 -12.67 16.20
CA PRO A 220 5.10 -12.43 15.07
C PRO A 220 4.59 -11.35 14.10
N ALA A 221 3.30 -11.36 13.79
CA ALA A 221 2.73 -10.34 12.91
C ALA A 221 2.96 -8.94 13.46
N GLN A 222 2.77 -8.78 14.78
CA GLN A 222 2.98 -7.47 15.39
C GLN A 222 4.44 -7.02 15.26
N VAL A 223 5.39 -7.94 15.43
CA VAL A 223 6.79 -7.58 15.30
C VAL A 223 7.12 -7.19 13.84
N ALA A 224 6.56 -7.93 12.89
CA ALA A 224 6.78 -7.62 11.47
C ALA A 224 6.29 -6.21 11.12
N LEU A 225 5.13 -5.82 11.65
CA LEU A 225 4.59 -4.48 11.44
C LEU A 225 5.36 -3.44 12.23
N ALA A 226 5.77 -3.76 13.45
CA ALA A 226 6.59 -2.85 14.24
C ALA A 226 7.91 -2.52 13.52
N PHE A 227 8.50 -3.52 12.86
CA PHE A 227 9.69 -3.26 12.06
C PHE A 227 9.40 -2.18 11.01
N LEU A 228 8.32 -2.34 10.25
CA LEU A 228 8.02 -1.37 9.21
C LEU A 228 7.73 0.03 9.76
N LYS A 229 7.18 0.12 10.97
CA LYS A 229 6.93 1.42 11.61
C LYS A 229 8.23 2.20 11.84
N THR A 230 9.34 1.48 12.02
CA THR A 230 10.65 2.13 12.19
C THR A 230 11.26 2.64 10.88
N CYS A 231 10.63 2.33 9.75
CA CYS A 231 11.12 2.74 8.43
C CYS A 231 10.44 4.04 8.00
N SER A 232 11.20 5.13 7.96
CA SER A 232 10.64 6.41 7.52
C SER A 232 10.16 6.32 6.08
N GLY A 233 9.13 7.10 5.76
CA GLY A 233 8.65 7.23 4.40
C GLY A 233 7.96 6.00 3.84
N VAL A 234 7.45 5.14 4.75
CA VAL A 234 6.81 3.89 4.41
C VAL A 234 5.43 3.81 5.06
N ILE A 235 4.44 3.38 4.27
CA ILE A 235 3.09 3.06 4.74
C ILE A 235 2.90 1.55 4.56
N SER A 236 2.60 0.82 5.64
CA SER A 236 2.35 -0.63 5.56
C SER A 236 0.84 -0.88 5.41
N ILE A 237 0.47 -1.94 4.68
CA ILE A 237 -0.96 -2.20 4.38
C ILE A 237 -1.34 -3.67 4.60
N PRO A 238 -1.22 -4.15 5.87
CA PRO A 238 -1.60 -5.54 6.12
C PRO A 238 -3.08 -5.80 5.85
N LYS A 239 -3.39 -6.97 5.33
CA LYS A 239 -4.78 -7.39 5.08
C LYS A 239 -5.22 -8.41 6.09
N THR A 240 -6.43 -8.22 6.64
CA THR A 240 -7.07 -9.29 7.40
C THR A 240 -8.59 -9.22 7.24
N GLY A 241 -9.21 -10.40 7.08
CA GLY A 241 -10.66 -10.53 7.12
C GLY A 241 -11.26 -10.64 8.51
N SER A 242 -10.44 -10.49 9.55
CA SER A 242 -10.88 -10.66 10.95
C SER A 242 -10.78 -9.35 11.72
N PRO A 243 -11.91 -8.85 12.27
CA PRO A 243 -11.79 -7.66 13.13
C PRO A 243 -10.88 -7.84 14.35
N GLU A 244 -10.78 -9.06 14.88
CA GLU A 244 -9.86 -9.34 15.99
C GLU A 244 -8.42 -9.09 15.54
N ARG A 245 -8.08 -9.54 14.33
CA ARG A 245 -6.74 -9.30 13.80
C ARG A 245 -6.52 -7.83 13.42
N ALA A 246 -7.57 -7.11 13.03
CA ALA A 246 -7.42 -5.67 12.78
C ALA A 246 -6.99 -4.96 14.07
N ARG A 247 -7.62 -5.33 15.18
CA ARG A 247 -7.24 -4.81 16.51
C ARG A 247 -5.79 -5.18 16.87
N GLU A 248 -5.42 -6.43 16.63
CA GLU A 248 -4.04 -6.88 16.86
C GLU A 248 -3.02 -6.09 16.03
N ASN A 249 -3.34 -5.87 14.76
CA ASN A 249 -2.44 -5.14 13.88
C ASN A 249 -2.28 -3.70 14.34
N ARG A 250 -3.38 -3.06 14.76
CA ARG A 250 -3.30 -1.73 15.35
C ARG A 250 -2.35 -1.70 16.54
N ASP A 251 -2.48 -2.70 17.41
CA ASP A 251 -1.66 -2.79 18.62
C ASP A 251 -0.17 -2.99 18.33
N ALA A 252 0.18 -3.43 17.13
CA ALA A 252 1.59 -3.52 16.73
C ALA A 252 2.32 -2.19 16.87
N MET A 253 1.58 -1.10 16.75
CA MET A 253 2.16 0.24 16.83
C MET A 253 2.63 0.62 18.24
N ASP A 254 2.19 -0.15 19.26
CA ASP A 254 2.60 0.06 20.65
C ASP A 254 3.93 -0.60 21.02
N ILE A 255 4.43 -1.50 20.18
CA ILE A 255 5.68 -2.20 20.45
C ILE A 255 6.85 -1.23 20.34
N HIS A 256 7.75 -1.29 21.32
CA HIS A 256 8.98 -0.53 21.30
C HIS A 256 10.13 -1.48 21.00
N LEU A 257 10.57 -1.55 19.75
CA LEU A 257 11.71 -2.40 19.40
C LEU A 257 12.99 -1.74 19.90
N THR A 258 13.80 -2.52 20.61
CA THR A 258 15.05 -2.03 21.17
C THR A 258 16.15 -1.99 20.10
N THR A 259 17.23 -1.30 20.41
CA THR A 259 18.42 -1.27 19.55
C THR A 259 18.91 -2.70 19.27
N GLU A 260 18.96 -3.50 20.33
CA GLU A 260 19.33 -4.91 20.20
C GLU A 260 18.36 -5.69 19.30
N ASN A 261 17.06 -5.46 19.46
CA ASN A 261 16.04 -6.09 18.59
C ASN A 261 16.31 -5.81 17.12
N LEU A 262 16.57 -4.54 16.81
CA LEU A 262 16.81 -4.13 15.44
C LEU A 262 18.11 -4.73 14.87
N ALA A 263 19.16 -4.78 15.68
CA ALA A 263 20.41 -5.46 15.28
C ALA A 263 20.18 -6.95 15.02
N GLU A 264 19.41 -7.57 15.89
CA GLU A 264 19.08 -8.99 15.74
C GLU A 264 18.29 -9.27 14.46
N LEU A 265 17.29 -8.45 14.18
CA LEU A 265 16.51 -8.59 12.95
C LEU A 265 17.40 -8.46 11.70
N ASP A 266 18.38 -7.56 11.75
CA ASP A 266 19.31 -7.40 10.62
C ASP A 266 20.25 -8.60 10.45
N ARG A 267 20.60 -9.27 11.54
CA ARG A 267 21.38 -10.50 11.44
C ARG A 267 20.60 -11.64 10.79
N HIS A 268 19.32 -11.76 11.13
CA HIS A 268 18.46 -12.87 10.69
CA HIS A 268 18.54 -12.91 10.64
C HIS A 268 17.78 -12.65 9.35
N PHE A 269 17.58 -11.37 9.03
CA PHE A 269 16.99 -10.93 7.77
C PHE A 269 17.96 -9.94 7.11
N PRO A 270 19.07 -10.43 6.55
CA PRO A 270 20.15 -9.51 6.14
C PRO A 270 19.72 -8.49 5.09
N PRO A 271 19.97 -7.19 5.34
CA PRO A 271 19.77 -6.19 4.30
C PRO A 271 20.61 -6.48 3.06
N PRO A 272 20.16 -6.01 1.89
CA PRO A 272 20.92 -6.26 0.66
C PRO A 272 22.27 -5.56 0.65
N ARG A 273 23.28 -6.25 0.13
CA ARG A 273 24.62 -5.68 -0.05
C ARG A 273 24.92 -5.34 -1.51
N ARG A 274 23.97 -5.60 -2.41
CA ARG A 274 24.10 -5.26 -3.82
C ARG A 274 22.71 -5.04 -4.40
N LYS A 275 22.67 -4.47 -5.60
CA LYS A 275 21.40 -4.26 -6.29
C LYS A 275 20.78 -5.61 -6.60
N THR A 276 19.47 -5.68 -6.42
CA THR A 276 18.68 -6.88 -6.43
CA THR A 276 18.80 -6.92 -6.69
C THR A 276 17.50 -6.67 -7.41
N ARG A 277 17.14 -7.64 -8.22
CA ARG A 277 15.92 -7.63 -9.01
C ARG A 277 14.72 -7.29 -8.11
N LEU A 278 13.84 -6.39 -8.54
CA LEU A 278 12.64 -6.09 -7.76
C LEU A 278 11.77 -7.33 -7.58
N GLU A 279 11.54 -7.73 -6.34
CA GLU A 279 10.60 -8.81 -6.05
C GLU A 279 9.17 -8.26 -6.09
N VAL A 280 8.26 -9.08 -6.61
CA VAL A 280 6.85 -8.71 -6.79
C VAL A 280 5.94 -9.86 -6.37
N ILE A 281 4.69 -9.52 -6.05
CA ILE A 281 3.59 -10.48 -5.97
C ILE A 281 2.46 -9.94 -6.84
#